data_3C2V
#
_entry.id   3C2V
#
_cell.length_a   154.668
_cell.length_b   154.668
_cell.length_c   69.346
_cell.angle_alpha   90.00
_cell.angle_beta   90.00
_cell.angle_gamma   120.00
#
_symmetry.space_group_name_H-M   'H 3 2'
#
loop_
_entity.id
_entity.type
_entity.pdbx_description
1 polymer 'Nicotinate-nucleotide pyrophosphorylase'
2 non-polymer 1-O-pyrophosphono-5-O-phosphono-alpha-D-ribofuranose
3 non-polymer 'PHTHALIC ACID'
4 water water
#
_entity_poly.entity_id   1
_entity_poly.type   'polypeptide(L)'
_entity_poly.pdbx_seq_one_letter_code
;PVYEHLLPVNGAWRQDVTNWLSEDVPSFDFGGYVVGSDLKEANLYCKQDGMLCGVPFAQEVFNQCELQVEWLFKEGSFLE
PSKNDSGKIVVAKITGPAKNILLAERTALNILSRSSGIATASHKIISLARSTGYKGTIAGTRKTTPGLRRLEKYSMLVGG
CDTHRYDLSSMVMLKDNHIWATGSITNAVKNARAVCGFAVKIEVECLSEDEATEAIEAGADVIMLDNFKGDGLKMCAQSL
KNKWNGKKHFLLECSGGLNLDNLEEYLCDDIDIYSTSSIHQGTPVIDFSLKLAH
;
_entity_poly.pdbx_strand_id   A
#
# COMPACT_ATOMS: atom_id res chain seq x y z
N PRO A 1 -7.29 6.54 -15.85
CA PRO A 1 -8.07 5.69 -14.91
C PRO A 1 -7.93 6.18 -13.49
N VAL A 2 -8.81 5.73 -12.61
CA VAL A 2 -8.77 6.16 -11.22
C VAL A 2 -8.53 4.98 -10.29
N TYR A 3 -7.45 5.05 -9.53
CA TYR A 3 -7.08 4.00 -8.61
C TYR A 3 -8.20 3.53 -7.71
N GLU A 4 -8.89 4.47 -7.10
CA GLU A 4 -9.96 4.13 -6.18
C GLU A 4 -11.03 3.26 -6.87
N HIS A 5 -10.92 3.09 -8.17
CA HIS A 5 -11.90 2.26 -8.86
C HIS A 5 -11.59 0.79 -8.65
N LEU A 6 -10.43 0.51 -8.07
CA LEU A 6 -10.04 -0.86 -7.77
C LEU A 6 -10.91 -1.38 -6.63
N LEU A 7 -11.45 -0.47 -5.82
CA LEU A 7 -12.29 -0.82 -4.69
C LEU A 7 -13.75 -1.07 -5.06
N PRO A 8 -14.26 -2.29 -4.77
CA PRO A 8 -15.66 -2.59 -5.09
C PRO A 8 -16.60 -1.60 -4.39
N VAL A 9 -17.61 -1.13 -5.09
CA VAL A 9 -18.55 -0.17 -4.53
C VAL A 9 -18.95 -0.62 -3.12
N ASN A 10 -19.13 -1.93 -2.94
CA ASN A 10 -19.39 -2.44 -1.60
C ASN A 10 -18.61 -3.73 -1.39
N GLY A 11 -18.24 -3.99 -0.15
CA GLY A 11 -17.48 -5.17 0.17
C GLY A 11 -16.96 -5.02 1.58
N ALA A 12 -16.10 -5.93 2.00
CA ALA A 12 -15.56 -5.92 3.35
C ALA A 12 -14.73 -4.70 3.73
N TRP A 13 -14.08 -4.07 2.76
CA TRP A 13 -13.28 -2.89 3.09
C TRP A 13 -14.12 -1.79 3.77
N ARG A 14 -15.43 -1.80 3.54
CA ARG A 14 -16.26 -0.77 4.19
C ARG A 14 -16.61 -1.15 5.62
N GLN A 15 -16.70 -2.44 5.89
CA GLN A 15 -17.00 -2.89 7.26
C GLN A 15 -15.75 -2.63 8.10
N ASP A 16 -14.59 -2.66 7.45
CA ASP A 16 -13.32 -2.40 8.10
C ASP A 16 -13.37 -1.02 8.74
N VAL A 17 -13.83 -0.04 7.96
CA VAL A 17 -13.95 1.36 8.37
C VAL A 17 -14.83 1.42 9.59
N THR A 18 -16.00 0.79 9.49
CA THR A 18 -16.89 0.78 10.62
C THR A 18 -16.16 0.22 11.82
N ASN A 19 -15.57 -0.97 11.66
CA ASN A 19 -14.86 -1.60 12.77
C ASN A 19 -13.82 -0.69 13.36
N TRP A 20 -13.18 0.13 12.53
CA TRP A 20 -12.16 1.06 13.03
C TRP A 20 -12.78 2.17 13.87
N LEU A 21 -14.03 2.54 13.57
CA LEU A 21 -14.69 3.59 14.36
C LEU A 21 -15.06 2.99 15.71
N SER A 22 -15.47 1.73 15.70
CA SER A 22 -15.85 1.04 16.93
C SER A 22 -14.63 0.93 17.80
N GLU A 23 -13.50 0.70 17.17
CA GLU A 23 -12.24 0.56 17.89
C GLU A 23 -11.94 1.85 18.67
N ASP A 24 -12.49 2.97 18.20
CA ASP A 24 -12.23 4.22 18.85
C ASP A 24 -13.32 4.60 19.86
N VAL A 25 -14.48 3.99 19.72
CA VAL A 25 -15.59 4.27 20.62
C VAL A 25 -16.28 2.99 21.05
N PRO A 26 -15.68 2.25 21.99
CA PRO A 26 -16.32 1.01 22.43
C PRO A 26 -17.69 1.25 23.10
N SER A 27 -17.81 2.34 23.86
CA SER A 27 -19.05 2.66 24.53
C SER A 27 -19.74 4.03 24.53
N PHE A 28 -19.03 5.10 24.53
CA PHE A 28 -19.63 6.43 24.52
C PHE A 28 -18.58 7.42 24.02
N ASP A 29 -19.04 8.43 23.28
CA ASP A 29 -18.18 9.49 22.76
C ASP A 29 -18.80 10.39 23.83
N PHE A 30 -17.95 10.84 24.75
CA PHE A 30 -18.17 11.99 25.61
C PHE A 30 -17.97 13.34 24.91
N GLY A 31 -16.93 13.43 24.08
CA GLY A 31 -16.64 14.66 23.37
C GLY A 31 -17.77 15.13 22.46
N GLY A 32 -18.44 14.20 21.80
CA GLY A 32 -19.52 14.55 20.91
C GLY A 32 -20.69 15.09 21.70
N TYR A 33 -20.93 14.50 22.86
CA TYR A 33 -22.02 14.92 23.72
C TYR A 33 -21.81 16.39 24.06
N VAL A 34 -20.63 16.69 24.60
CA VAL A 34 -20.29 18.03 24.98
C VAL A 34 -20.27 19.01 23.80
N VAL A 35 -19.81 18.55 22.64
CA VAL A 35 -19.73 19.44 21.49
C VAL A 35 -21.05 19.69 20.77
N GLY A 36 -21.91 18.68 20.72
CA GLY A 36 -23.19 18.88 20.06
C GLY A 36 -23.16 18.68 18.57
N SER A 37 -24.33 18.85 17.95
CA SER A 37 -24.50 18.66 16.53
C SER A 37 -24.50 19.91 15.64
N ASP A 38 -24.18 21.07 16.20
CA ASP A 38 -24.17 22.26 15.37
C ASP A 38 -23.26 22.07 14.15
N LEU A 39 -23.67 22.60 13.00
CA LEU A 39 -22.88 22.48 11.78
C LEU A 39 -21.64 23.34 11.91
N LYS A 40 -20.52 22.81 11.46
CA LYS A 40 -19.27 23.53 11.52
C LYS A 40 -18.54 23.22 10.24
N GLU A 41 -17.48 23.98 10.00
CA GLU A 41 -16.67 23.78 8.81
C GLU A 41 -15.26 23.48 9.31
N ALA A 42 -14.48 22.74 8.52
CA ALA A 42 -13.13 22.42 8.94
C ALA A 42 -12.20 22.18 7.77
N ASN A 43 -10.91 22.41 8.01
CA ASN A 43 -9.90 22.20 7.00
C ASN A 43 -9.04 21.00 7.37
N LEU A 44 -8.77 20.17 6.38
CA LEU A 44 -7.93 19.01 6.57
C LEU A 44 -6.58 19.41 6.01
N TYR A 45 -5.58 19.48 6.89
CA TYR A 45 -4.25 19.88 6.47
C TYR A 45 -3.21 18.78 6.36
N CYS A 46 -2.37 18.90 5.34
CA CYS A 46 -1.28 17.99 5.14
C CYS A 46 -0.19 18.84 5.77
N LYS A 47 0.63 18.26 6.64
CA LYS A 47 1.66 19.04 7.30
C LYS A 47 3.10 18.66 6.95
N GLN A 48 3.27 17.86 5.90
CA GLN A 48 4.60 17.45 5.47
C GLN A 48 4.61 17.19 3.98
N ASP A 49 5.77 17.36 3.36
CA ASP A 49 5.95 17.13 1.93
C ASP A 49 5.77 15.65 1.62
N GLY A 50 4.84 15.32 0.73
CA GLY A 50 4.64 13.93 0.39
C GLY A 50 3.46 13.72 -0.53
N MET A 51 3.23 12.45 -0.91
CA MET A 51 2.12 12.13 -1.80
C MET A 51 0.85 11.73 -1.08
N LEU A 52 -0.24 12.40 -1.44
CA LEU A 52 -1.57 12.21 -0.87
C LEU A 52 -2.13 10.84 -1.20
N CYS A 53 -2.32 9.99 -0.19
CA CYS A 53 -2.88 8.66 -0.46
C CYS A 53 -3.87 8.21 0.61
N GLY A 54 -4.90 7.49 0.18
CA GLY A 54 -5.91 6.99 1.09
C GLY A 54 -7.24 7.71 0.96
N VAL A 55 -7.37 8.57 -0.06
CA VAL A 55 -8.58 9.36 -0.26
C VAL A 55 -9.92 8.63 -0.13
N PRO A 56 -10.12 7.57 -0.92
CA PRO A 56 -11.39 6.86 -0.80
C PRO A 56 -11.59 6.23 0.59
N PHE A 57 -10.50 5.83 1.24
CA PHE A 57 -10.63 5.23 2.56
C PHE A 57 -11.07 6.29 3.55
N ALA A 58 -10.46 7.46 3.48
CA ALA A 58 -10.82 8.56 4.37
C ALA A 58 -12.24 9.01 4.02
N GLN A 59 -12.55 8.97 2.73
CA GLN A 59 -13.87 9.36 2.27
C GLN A 59 -14.93 8.47 2.91
N GLU A 60 -14.64 7.18 3.01
CA GLU A 60 -15.56 6.23 3.60
C GLU A 60 -15.81 6.57 5.08
N VAL A 61 -14.79 7.10 5.73
CA VAL A 61 -14.92 7.47 7.13
C VAL A 61 -15.83 8.67 7.20
N PHE A 62 -15.67 9.58 6.25
CA PHE A 62 -16.47 10.79 6.21
C PHE A 62 -17.92 10.50 5.86
N ASN A 63 -18.15 9.48 5.02
CA ASN A 63 -19.53 9.14 4.66
C ASN A 63 -20.29 8.48 5.83
N GLN A 64 -19.64 7.52 6.49
CA GLN A 64 -20.26 6.82 7.61
C GLN A 64 -20.47 7.75 8.78
N CYS A 65 -19.75 8.87 8.78
CA CYS A 65 -19.89 9.87 9.82
C CYS A 65 -20.79 10.98 9.31
N GLU A 66 -21.44 10.71 8.19
CA GLU A 66 -22.38 11.64 7.56
C GLU A 66 -21.94 13.10 7.49
N LEU A 67 -20.87 13.32 6.73
CA LEU A 67 -20.31 14.64 6.54
C LEU A 67 -20.21 14.96 5.07
N GLN A 68 -20.04 16.24 4.77
CA GLN A 68 -19.90 16.72 3.41
C GLN A 68 -18.43 17.14 3.25
N VAL A 69 -17.78 16.55 2.26
CA VAL A 69 -16.37 16.81 2.04
C VAL A 69 -16.08 17.18 0.61
N GLU A 70 -15.16 18.13 0.43
CA GLU A 70 -14.76 18.58 -0.90
C GLU A 70 -13.25 18.51 -0.94
N TRP A 71 -12.73 17.63 -1.78
CA TRP A 71 -11.29 17.48 -1.89
C TRP A 71 -10.70 18.51 -2.86
N LEU A 72 -9.60 19.13 -2.46
CA LEU A 72 -8.94 20.15 -3.25
C LEU A 72 -7.84 19.58 -4.14
N PHE A 73 -7.50 18.32 -3.94
CA PHE A 73 -6.45 17.68 -4.72
C PHE A 73 -6.86 16.26 -5.05
N LYS A 74 -6.33 15.74 -6.16
CA LYS A 74 -6.64 14.37 -6.54
C LYS A 74 -5.66 13.43 -5.86
N GLU A 75 -6.09 12.20 -5.62
CA GLU A 75 -5.22 11.25 -4.97
C GLU A 75 -3.99 11.11 -5.86
N GLY A 76 -2.82 11.00 -5.25
CA GLY A 76 -1.60 10.85 -6.01
C GLY A 76 -0.81 12.15 -6.07
N SER A 77 -1.50 13.26 -5.90
CA SER A 77 -0.86 14.56 -5.93
C SER A 77 0.29 14.64 -4.94
N PHE A 78 1.38 15.25 -5.37
CA PHE A 78 2.54 15.43 -4.51
C PHE A 78 2.34 16.77 -3.78
N LEU A 79 2.41 16.75 -2.46
CA LEU A 79 2.22 17.97 -1.69
C LEU A 79 3.50 18.46 -1.04
N GLU A 80 3.70 19.78 -1.09
CA GLU A 80 4.91 20.36 -0.53
C GLU A 80 4.63 21.52 0.41
N PRO A 81 3.91 21.26 1.52
CA PRO A 81 3.60 22.31 2.50
C PRO A 81 4.82 23.10 2.99
N SER A 82 6.01 22.53 2.85
CA SER A 82 7.23 23.21 3.29
C SER A 82 7.37 24.51 2.50
N LYS A 83 7.16 24.42 1.19
CA LYS A 83 7.24 25.57 0.30
C LYS A 83 5.79 26.01 0.51
N ASN A 84 5.49 26.46 1.71
CA ASN A 84 4.36 27.31 2.06
C ASN A 84 4.65 28.04 3.37
N ASP A 85 4.28 29.32 3.40
CA ASP A 85 4.50 30.18 4.56
C ASP A 85 4.03 29.55 5.86
N SER A 86 2.79 29.08 5.86
CA SER A 86 2.20 28.44 7.03
C SER A 86 2.80 27.06 7.32
N GLY A 87 3.31 26.41 6.27
CA GLY A 87 3.91 25.10 6.43
C GLY A 87 2.86 24.01 6.43
N LYS A 88 1.68 24.31 5.92
CA LYS A 88 0.59 23.36 5.85
C LYS A 88 -0.29 23.67 4.65
N ILE A 89 -0.91 22.63 4.08
CA ILE A 89 -1.76 22.80 2.91
C ILE A 89 -3.12 22.14 3.12
N VAL A 90 -4.17 22.90 2.83
CA VAL A 90 -5.53 22.40 2.97
C VAL A 90 -5.80 21.47 1.79
N VAL A 91 -6.05 20.20 2.09
CA VAL A 91 -6.30 19.21 1.04
C VAL A 91 -7.79 18.89 0.93
N ALA A 92 -8.56 19.26 1.94
CA ALA A 92 -9.99 19.00 1.90
C ALA A 92 -10.77 19.95 2.80
N LYS A 93 -11.99 20.25 2.38
CA LYS A 93 -12.88 21.12 3.13
C LYS A 93 -14.07 20.29 3.58
N ILE A 94 -14.31 20.27 4.89
CA ILE A 94 -15.38 19.45 5.44
C ILE A 94 -16.47 20.20 6.20
N THR A 95 -17.71 19.77 6.05
CA THR A 95 -18.81 20.39 6.76
C THR A 95 -19.74 19.33 7.32
N GLY A 96 -20.33 19.63 8.48
CA GLY A 96 -21.25 18.70 9.10
C GLY A 96 -21.41 18.93 10.59
N PRO A 97 -22.20 18.07 11.26
CA PRO A 97 -22.43 18.19 12.70
C PRO A 97 -21.11 18.17 13.42
N ALA A 98 -20.94 19.09 14.37
CA ALA A 98 -19.71 19.13 15.13
C ALA A 98 -19.24 17.73 15.55
N LYS A 99 -19.98 17.09 16.44
CA LYS A 99 -19.59 15.76 16.95
C LYS A 99 -19.12 14.79 15.87
N ASN A 100 -19.81 14.78 14.73
CA ASN A 100 -19.45 13.89 13.63
C ASN A 100 -18.04 14.15 13.12
N ILE A 101 -17.70 15.43 12.97
CA ILE A 101 -16.39 15.83 12.49
C ILE A 101 -15.30 15.35 13.42
N LEU A 102 -15.49 15.59 14.72
CA LEU A 102 -14.49 15.18 15.69
C LEU A 102 -14.36 13.67 15.86
N LEU A 103 -15.44 12.94 15.57
CA LEU A 103 -15.42 11.48 15.68
C LEU A 103 -14.65 10.89 14.50
N ALA A 104 -14.77 11.52 13.34
CA ALA A 104 -14.09 11.03 12.15
C ALA A 104 -12.60 11.40 12.14
N GLU A 105 -12.30 12.53 12.75
CA GLU A 105 -10.95 13.04 12.79
C GLU A 105 -9.67 12.23 12.93
N ARG A 106 -9.52 11.56 14.07
CA ARG A 106 -8.42 10.63 14.30
C ARG A 106 -8.32 9.46 13.33
N THR A 107 -9.38 8.67 13.26
CA THR A 107 -9.41 7.53 12.36
C THR A 107 -9.04 7.96 10.95
N ALA A 108 -9.70 9.00 10.45
CA ALA A 108 -9.43 9.48 9.09
C ALA A 108 -7.96 9.85 8.90
N LEU A 109 -7.41 10.58 9.85
CA LEU A 109 -6.03 10.99 9.75
C LEU A 109 -5.07 9.84 9.91
N ASN A 110 -5.45 8.81 10.66
CA ASN A 110 -4.56 7.67 10.81
C ASN A 110 -4.48 6.97 9.47
N ILE A 111 -5.56 7.07 8.69
CA ILE A 111 -5.61 6.48 7.36
C ILE A 111 -4.64 7.24 6.45
N LEU A 112 -4.94 8.52 6.24
CA LEU A 112 -4.14 9.38 5.37
C LEU A 112 -2.64 9.38 5.69
N SER A 113 -2.30 9.66 6.94
CA SER A 113 -0.90 9.70 7.34
C SER A 113 -0.14 8.44 6.89
N ARG A 114 -0.67 7.27 7.22
CA ARG A 114 -0.01 6.02 6.86
C ARG A 114 -0.09 5.72 5.36
N SER A 115 -1.25 5.94 4.77
CA SER A 115 -1.39 5.66 3.36
C SER A 115 -0.43 6.52 2.56
N SER A 116 -0.33 7.81 2.92
CA SER A 116 0.56 8.73 2.22
C SER A 116 2.02 8.43 2.46
N GLY A 117 2.32 7.99 3.69
CA GLY A 117 3.69 7.65 4.03
C GLY A 117 4.19 6.56 3.09
N ILE A 118 3.38 5.53 2.91
CA ILE A 118 3.74 4.44 2.03
C ILE A 118 3.77 4.88 0.56
N ALA A 119 2.75 5.62 0.14
CA ALA A 119 2.69 6.10 -1.23
C ALA A 119 3.98 6.87 -1.49
N THR A 120 4.31 7.78 -0.59
CA THR A 120 5.52 8.57 -0.68
C THR A 120 6.79 7.71 -0.76
N ALA A 121 6.94 6.76 0.15
CA ALA A 121 8.13 5.90 0.15
C ALA A 121 8.23 5.18 -1.18
N SER A 122 7.15 4.53 -1.58
CA SER A 122 7.15 3.81 -2.83
C SER A 122 7.59 4.73 -3.95
N HIS A 123 6.91 5.87 -4.10
CA HIS A 123 7.24 6.81 -5.16
C HIS A 123 8.70 7.25 -5.19
N LYS A 124 9.30 7.47 -4.02
CA LYS A 124 10.70 7.88 -3.98
C LYS A 124 11.58 6.79 -4.56
N ILE A 125 11.34 5.55 -4.17
CA ILE A 125 12.18 4.47 -4.64
C ILE A 125 11.96 4.11 -6.10
N ILE A 126 10.72 4.20 -6.57
CA ILE A 126 10.49 3.86 -7.97
C ILE A 126 11.12 4.95 -8.86
N SER A 127 10.88 6.20 -8.52
CA SER A 127 11.42 7.29 -9.30
C SER A 127 12.94 7.30 -9.17
N LEU A 128 13.44 6.88 -8.02
CA LEU A 128 14.88 6.85 -7.82
C LEU A 128 15.50 5.82 -8.75
N ALA A 129 14.85 4.67 -8.87
CA ALA A 129 15.36 3.62 -9.72
C ALA A 129 15.18 4.00 -11.18
N ARG A 130 14.09 4.70 -11.48
CA ARG A 130 13.79 5.14 -12.84
C ARG A 130 14.82 6.16 -13.33
N SER A 131 15.33 6.98 -12.43
CA SER A 131 16.30 7.98 -12.81
C SER A 131 17.63 7.38 -13.29
N THR A 132 17.96 6.16 -12.86
CA THR A 132 19.21 5.54 -13.28
C THR A 132 19.04 4.84 -14.63
N GLY A 133 17.85 4.93 -15.19
CA GLY A 133 17.61 4.29 -16.48
C GLY A 133 17.16 2.85 -16.37
N TYR A 134 16.74 2.44 -15.17
CA TYR A 134 16.26 1.07 -14.98
C TYR A 134 14.89 1.02 -15.64
N LYS A 135 14.61 -0.07 -16.36
CA LYS A 135 13.33 -0.20 -17.05
C LYS A 135 12.42 -1.24 -16.38
N GLY A 136 12.96 -2.01 -15.45
CA GLY A 136 12.19 -3.02 -14.76
C GLY A 136 11.19 -2.52 -13.73
N THR A 137 10.76 -3.42 -12.85
CA THR A 137 9.77 -3.08 -11.81
C THR A 137 10.27 -3.19 -10.37
N ILE A 138 9.70 -2.34 -9.52
CA ILE A 138 10.02 -2.36 -8.10
C ILE A 138 8.73 -2.82 -7.43
N ALA A 139 8.80 -3.91 -6.67
CA ALA A 139 7.60 -4.42 -6.02
C ALA A 139 7.67 -4.46 -4.50
N GLY A 140 6.54 -4.81 -3.90
CA GLY A 140 6.47 -4.91 -2.46
C GLY A 140 6.58 -6.36 -2.00
N THR A 141 5.96 -6.69 -0.87
CA THR A 141 6.01 -8.04 -0.31
C THR A 141 4.74 -8.37 0.47
N ARG A 142 4.77 -9.46 1.23
CA ARG A 142 3.63 -9.84 2.05
C ARG A 142 3.86 -9.45 3.51
N LYS A 143 4.94 -8.71 3.76
CA LYS A 143 5.27 -8.27 5.10
C LYS A 143 4.45 -7.01 5.37
N THR A 144 3.13 -7.16 5.35
CA THR A 144 2.28 -6.01 5.57
C THR A 144 1.71 -5.98 6.99
N THR A 145 1.01 -4.89 7.29
CA THR A 145 0.42 -4.71 8.60
C THR A 145 -0.83 -5.59 8.76
N PRO A 146 -0.78 -6.53 9.72
CA PRO A 146 -1.92 -7.42 9.95
C PRO A 146 -3.25 -6.69 9.92
N GLY A 147 -4.12 -7.06 8.98
CA GLY A 147 -5.42 -6.43 8.91
C GLY A 147 -5.48 -5.16 8.08
N LEU A 148 -4.33 -4.64 7.69
CA LEU A 148 -4.30 -3.42 6.89
C LEU A 148 -3.77 -3.68 5.49
N ARG A 149 -3.55 -4.94 5.14
CA ARG A 149 -3.03 -5.26 3.82
C ARG A 149 -3.70 -4.57 2.63
N ARG A 150 -5.02 -4.51 2.59
CA ARG A 150 -5.67 -3.87 1.45
C ARG A 150 -5.23 -2.42 1.30
N LEU A 151 -5.25 -1.68 2.39
CA LEU A 151 -4.86 -0.28 2.38
C LEU A 151 -3.41 -0.06 1.96
N GLU A 152 -2.52 -0.93 2.43
CA GLU A 152 -1.10 -0.82 2.13
C GLU A 152 -0.75 -1.19 0.70
N LYS A 153 -1.33 -2.28 0.19
CA LYS A 153 -1.06 -2.69 -1.18
C LYS A 153 -1.57 -1.58 -2.09
N TYR A 154 -2.74 -1.04 -1.75
CA TYR A 154 -3.33 0.03 -2.55
C TYR A 154 -2.40 1.23 -2.61
N SER A 155 -1.81 1.59 -1.47
CA SER A 155 -0.91 2.73 -1.45
C SER A 155 0.32 2.47 -2.29
N MET A 156 0.78 1.21 -2.32
CA MET A 156 1.92 0.88 -3.14
C MET A 156 1.62 1.27 -4.58
N LEU A 157 0.46 0.86 -5.06
CA LEU A 157 0.04 1.16 -6.43
C LEU A 157 0.06 2.64 -6.73
N VAL A 158 -0.54 3.44 -5.85
CA VAL A 158 -0.58 4.87 -6.05
C VAL A 158 0.82 5.44 -6.01
N GLY A 159 1.69 4.81 -5.24
CA GLY A 159 3.06 5.28 -5.13
C GLY A 159 3.78 5.04 -6.44
N GLY A 160 3.18 4.23 -7.30
CA GLY A 160 3.78 3.94 -8.58
C GLY A 160 4.59 2.66 -8.59
N CYS A 161 4.41 1.82 -7.59
CA CYS A 161 5.13 0.56 -7.52
C CYS A 161 4.23 -0.63 -7.83
N ASP A 162 4.86 -1.80 -7.97
CA ASP A 162 4.10 -3.01 -8.22
C ASP A 162 3.80 -3.50 -6.81
N THR A 163 2.68 -4.19 -6.64
CA THR A 163 2.28 -4.71 -5.34
C THR A 163 2.83 -6.11 -5.13
N HIS A 164 3.22 -6.74 -6.22
CA HIS A 164 3.70 -8.13 -6.17
C HIS A 164 2.40 -8.90 -5.81
N ARG A 165 2.48 -10.23 -5.67
CA ARG A 165 1.29 -11.01 -5.34
C ARG A 165 0.64 -10.41 -4.12
N TYR A 166 -0.64 -10.68 -3.95
CA TYR A 166 -1.38 -10.12 -2.83
C TYR A 166 -1.31 -10.97 -1.57
N ASP A 167 -1.57 -12.26 -1.71
CA ASP A 167 -1.57 -13.18 -0.58
C ASP A 167 -1.10 -14.58 -1.01
N LEU A 168 -1.12 -15.55 -0.09
CA LEU A 168 -0.71 -16.91 -0.41
C LEU A 168 -1.60 -17.59 -1.44
N SER A 169 -2.75 -17.02 -1.70
CA SER A 169 -3.66 -17.66 -2.61
C SER A 169 -3.48 -17.18 -4.02
N SER A 170 -2.52 -16.30 -4.21
CA SER A 170 -2.27 -15.72 -5.51
C SER A 170 -0.99 -16.33 -6.01
N MET A 171 -0.33 -15.72 -6.96
CA MET A 171 0.90 -16.31 -7.45
C MET A 171 1.53 -17.24 -6.42
N VAL A 172 1.81 -18.48 -6.78
CA VAL A 172 2.51 -19.40 -5.91
C VAL A 172 3.98 -18.98 -5.76
N MET A 173 4.56 -19.19 -4.60
CA MET A 173 5.98 -18.93 -4.44
C MET A 173 6.62 -20.04 -3.66
N LEU A 174 7.53 -20.77 -4.29
CA LEU A 174 8.24 -21.87 -3.66
C LEU A 174 9.57 -21.33 -3.10
N LYS A 175 9.47 -20.82 -1.90
CA LYS A 175 10.54 -20.18 -1.22
C LYS A 175 11.51 -21.16 -0.62
N ASP A 176 12.58 -20.62 -0.07
CA ASP A 176 13.75 -21.40 0.30
C ASP A 176 13.34 -22.57 1.13
N ASN A 177 13.76 -23.76 0.73
CA ASN A 177 12.87 -24.73 0.10
C ASN A 177 13.30 -26.16 0.32
N HIS A 178 14.07 -26.30 1.38
CA HIS A 178 14.76 -27.51 1.73
C HIS A 178 13.60 -28.20 2.31
N ILE A 179 12.86 -27.34 2.97
CA ILE A 179 11.53 -27.55 3.39
C ILE A 179 10.44 -27.72 2.40
N TRP A 180 10.77 -27.60 1.13
CA TRP A 180 9.76 -27.76 0.10
C TRP A 180 9.73 -28.98 -0.82
N ALA A 181 10.11 -30.12 -0.31
CA ALA A 181 11.08 -30.23 0.71
C ALA A 181 11.80 -31.38 0.11
N THR A 182 11.07 -32.11 -0.69
CA THR A 182 11.63 -33.27 -1.29
C THR A 182 10.92 -33.64 -2.60
N GLY A 183 11.76 -34.09 -3.52
CA GLY A 183 11.39 -34.31 -4.88
C GLY A 183 12.40 -33.55 -5.72
N SER A 184 12.13 -32.27 -5.90
CA SER A 184 12.72 -31.49 -6.93
C SER A 184 12.13 -30.10 -6.89
N ILE A 185 12.71 -29.20 -7.64
CA ILE A 185 12.02 -28.01 -7.96
C ILE A 185 10.94 -28.61 -8.82
N THR A 186 11.40 -29.50 -9.68
CA THR A 186 10.58 -30.14 -10.68
C THR A 186 9.28 -30.82 -10.30
N ASN A 187 9.19 -31.35 -9.09
CA ASN A 187 7.95 -31.90 -8.60
C ASN A 187 7.24 -31.02 -7.64
N ALA A 188 7.93 -30.05 -7.12
CA ALA A 188 7.28 -29.09 -6.28
C ALA A 188 6.56 -28.19 -7.23
N VAL A 189 7.18 -27.93 -8.35
CA VAL A 189 6.62 -27.06 -9.34
C VAL A 189 5.51 -27.74 -10.10
N LYS A 190 5.58 -29.05 -10.23
CA LYS A 190 4.51 -29.82 -10.84
C LYS A 190 3.30 -29.87 -9.94
N ASN A 191 3.51 -30.08 -8.65
CA ASN A 191 2.39 -30.13 -7.76
C ASN A 191 1.69 -28.78 -7.71
N ALA A 192 2.48 -27.72 -7.73
CA ALA A 192 1.92 -26.41 -7.62
C ALA A 192 1.05 -26.14 -8.82
N ARG A 193 1.53 -26.56 -9.98
CA ARG A 193 0.79 -26.41 -11.20
C ARG A 193 -0.50 -27.16 -11.13
N ALA A 194 -0.40 -28.39 -10.69
CA ALA A 194 -1.49 -29.29 -10.44
C ALA A 194 -2.59 -28.68 -9.64
N VAL A 195 -2.29 -27.79 -8.72
CA VAL A 195 -3.35 -27.15 -7.99
C VAL A 195 -3.74 -25.72 -8.47
N CYS A 196 -2.81 -24.95 -8.99
CA CYS A 196 -3.09 -23.56 -9.21
C CYS A 196 -3.65 -23.38 -10.58
N GLY A 197 -3.29 -24.31 -11.43
CA GLY A 197 -3.79 -24.27 -12.80
C GLY A 197 -3.10 -23.23 -13.66
N PHE A 198 -3.69 -22.93 -14.82
CA PHE A 198 -3.10 -21.97 -15.73
C PHE A 198 -3.25 -20.47 -15.40
N ALA A 199 -4.33 -20.10 -14.73
CA ALA A 199 -4.59 -18.69 -14.42
C ALA A 199 -3.74 -18.03 -13.35
N VAL A 200 -2.83 -18.78 -12.74
CA VAL A 200 -1.98 -18.21 -11.69
C VAL A 200 -0.52 -18.62 -11.85
N LYS A 201 0.38 -17.65 -11.78
CA LYS A 201 1.81 -17.90 -11.95
C LYS A 201 2.48 -18.63 -10.76
N ILE A 202 3.61 -19.26 -11.06
CA ILE A 202 4.40 -19.99 -10.08
C ILE A 202 5.81 -19.42 -10.05
N GLU A 203 6.26 -19.02 -8.86
CA GLU A 203 7.60 -18.47 -8.73
C GLU A 203 8.47 -19.38 -7.87
N VAL A 204 9.72 -19.55 -8.31
CA VAL A 204 10.65 -20.38 -7.56
C VAL A 204 11.88 -19.59 -7.15
N GLU A 205 12.21 -19.67 -5.87
CA GLU A 205 13.37 -19.00 -5.32
C GLU A 205 14.57 -19.92 -5.50
N CYS A 206 15.30 -19.71 -6.60
CA CYS A 206 16.46 -20.53 -6.95
C CYS A 206 17.81 -20.10 -6.37
N LEU A 207 18.81 -20.96 -6.55
CA LEU A 207 20.17 -20.72 -6.05
C LEU A 207 21.29 -20.90 -7.06
N SER A 208 21.01 -21.52 -8.21
CA SER A 208 22.05 -21.73 -9.22
C SER A 208 21.52 -21.75 -10.65
N GLU A 209 22.40 -21.49 -11.60
CA GLU A 209 22.06 -21.51 -13.02
C GLU A 209 21.23 -22.78 -13.31
N ASP A 210 21.55 -23.83 -12.57
CA ASP A 210 20.85 -25.11 -12.69
C ASP A 210 19.47 -24.92 -12.09
N GLU A 211 19.44 -24.55 -10.82
CA GLU A 211 18.19 -24.33 -10.11
C GLU A 211 17.15 -23.69 -11.01
N ALA A 212 17.47 -22.46 -11.43
CA ALA A 212 16.66 -21.68 -12.34
C ALA A 212 16.23 -22.48 -13.56
N THR A 213 17.20 -22.99 -14.30
CA THR A 213 16.91 -23.76 -15.50
C THR A 213 15.94 -24.90 -15.20
N GLU A 214 16.13 -25.56 -14.07
CA GLU A 214 15.25 -26.66 -13.72
C GLU A 214 13.83 -26.10 -13.54
N ALA A 215 13.75 -24.89 -13.02
CA ALA A 215 12.47 -24.24 -12.81
C ALA A 215 11.90 -23.85 -14.17
N ILE A 216 12.71 -23.14 -14.96
CA ILE A 216 12.30 -22.73 -16.29
C ILE A 216 11.85 -24.01 -16.98
N GLU A 217 12.52 -25.11 -16.62
CA GLU A 217 12.21 -26.41 -17.19
C GLU A 217 10.81 -26.82 -16.74
N ALA A 218 10.63 -26.93 -15.43
CA ALA A 218 9.34 -27.32 -14.86
C ALA A 218 8.22 -26.39 -15.34
N GLY A 219 8.56 -25.18 -15.75
CA GLY A 219 7.56 -24.25 -16.24
C GLY A 219 7.30 -23.05 -15.33
N ALA A 220 8.18 -22.80 -14.37
CA ALA A 220 8.01 -21.67 -13.47
C ALA A 220 7.86 -20.41 -14.30
N ASP A 221 7.04 -19.48 -13.85
CA ASP A 221 6.80 -18.24 -14.58
C ASP A 221 7.71 -17.13 -14.11
N VAL A 222 8.30 -17.30 -12.93
CA VAL A 222 9.19 -16.31 -12.38
C VAL A 222 10.29 -16.98 -11.58
N ILE A 223 11.48 -16.38 -11.66
CA ILE A 223 12.64 -16.89 -10.93
C ILE A 223 13.15 -15.86 -9.92
N MET A 224 13.19 -16.30 -8.67
CA MET A 224 13.64 -15.48 -7.54
C MET A 224 15.04 -15.97 -7.20
N LEU A 225 16.02 -15.08 -7.28
CA LEU A 225 17.39 -15.48 -6.96
C LEU A 225 17.78 -15.21 -5.50
N ASP A 226 17.29 -14.10 -4.95
CA ASP A 226 17.54 -13.73 -3.56
C ASP A 226 19.01 -13.65 -3.13
N ASN A 227 19.91 -13.36 -4.06
CA ASN A 227 21.34 -13.26 -3.77
C ASN A 227 21.85 -14.37 -2.84
N HIS A 249 8.26 -14.28 -20.90
CA HIS A 249 8.14 -15.73 -21.04
C HIS A 249 8.65 -16.46 -19.78
N PHE A 250 9.43 -15.73 -18.99
CA PHE A 250 9.96 -16.18 -17.70
C PHE A 250 10.29 -14.76 -17.27
N LEU A 251 10.55 -14.60 -15.97
CA LEU A 251 10.90 -13.31 -15.39
C LEU A 251 11.89 -13.55 -14.26
N LEU A 252 12.79 -12.59 -14.10
CA LEU A 252 13.84 -12.63 -13.09
C LEU A 252 13.60 -11.61 -12.00
N GLU A 253 13.55 -12.07 -10.75
CA GLU A 253 13.34 -11.17 -9.63
C GLU A 253 14.49 -11.25 -8.66
N CYS A 254 14.93 -10.08 -8.18
CA CYS A 254 15.99 -9.99 -7.21
C CYS A 254 15.34 -9.42 -5.97
N SER A 255 15.54 -10.05 -4.82
CA SER A 255 14.94 -9.56 -3.59
C SER A 255 15.84 -9.72 -2.39
N GLY A 256 15.62 -8.88 -1.38
CA GLY A 256 16.43 -8.98 -0.16
C GLY A 256 17.24 -7.76 0.26
N GLY A 257 16.79 -7.10 1.32
CA GLY A 257 17.49 -5.95 1.85
C GLY A 257 17.78 -4.77 0.94
N LEU A 258 16.91 -4.51 -0.03
CA LEU A 258 17.13 -3.38 -0.92
C LEU A 258 16.44 -2.17 -0.30
N ASN A 259 16.98 -0.98 -0.55
CA ASN A 259 16.41 0.25 -0.02
C ASN A 259 16.93 1.47 -0.77
N LEU A 260 16.40 2.62 -0.42
CA LEU A 260 16.77 3.88 -1.01
C LEU A 260 18.14 4.17 -0.50
N ASP A 261 19.12 3.30 -0.68
CA ASP A 261 20.35 3.70 -0.07
C ASP A 261 21.63 3.59 -0.84
N ASN A 262 21.83 2.52 -1.55
CA ASN A 262 23.13 2.31 -2.10
C ASN A 262 23.11 1.97 -3.56
N LEU A 263 22.30 0.97 -3.97
CA LEU A 263 21.67 -0.09 -3.16
C LEU A 263 20.41 -0.42 -3.92
N TYR A 266 20.43 1.52 -6.63
CA TYR A 266 21.50 2.02 -7.48
C TYR A 266 22.34 0.89 -8.08
N LEU A 267 22.14 -0.32 -7.59
CA LEU A 267 22.88 -1.49 -8.09
C LEU A 267 21.95 -2.40 -8.89
N CYS A 268 21.02 -1.77 -9.61
CA CYS A 268 20.07 -2.51 -10.42
C CYS A 268 20.78 -2.84 -11.72
N ASP A 269 20.26 -3.83 -12.43
CA ASP A 269 20.81 -4.24 -13.71
C ASP A 269 19.61 -4.86 -14.42
N ASP A 270 19.80 -5.31 -15.64
CA ASP A 270 18.68 -5.88 -16.38
C ASP A 270 18.18 -7.25 -15.92
N ILE A 271 17.46 -7.19 -14.81
CA ILE A 271 16.79 -8.28 -14.14
C ILE A 271 15.37 -7.66 -14.09
N ASP A 272 14.33 -8.46 -14.20
CA ASP A 272 12.97 -7.90 -14.22
C ASP A 272 12.39 -7.26 -12.97
N ILE A 273 12.51 -7.96 -11.84
CA ILE A 273 11.91 -7.45 -10.61
C ILE A 273 12.85 -7.28 -9.44
N TYR A 274 12.58 -6.23 -8.68
CA TYR A 274 13.32 -5.93 -7.47
C TYR A 274 12.24 -5.68 -6.42
N SER A 275 12.13 -6.60 -5.47
CA SER A 275 11.13 -6.49 -4.42
C SER A 275 11.78 -6.05 -3.12
N THR A 276 11.03 -5.27 -2.35
CA THR A 276 11.52 -4.76 -1.08
C THR A 276 10.40 -4.26 -0.20
N SER A 277 10.49 -4.53 1.09
CA SER A 277 9.47 -4.12 2.05
C SER A 277 9.65 -2.65 2.44
N SER A 278 10.82 -2.11 2.12
CA SER A 278 11.14 -0.73 2.45
C SER A 278 10.12 0.28 1.91
N ILE A 279 9.39 -0.08 0.87
CA ILE A 279 8.42 0.82 0.32
C ILE A 279 7.14 0.82 1.13
N HIS A 280 6.98 -0.12 2.02
CA HIS A 280 5.74 -0.25 2.76
C HIS A 280 5.84 -0.55 4.27
N GLN A 281 6.77 -1.39 4.69
CA GLN A 281 6.94 -1.75 6.08
C GLN A 281 7.91 -0.81 6.77
N GLY A 282 7.68 -0.52 8.03
CA GLY A 282 8.56 0.34 8.79
C GLY A 282 8.79 1.74 8.27
N THR A 283 7.87 2.26 7.48
CA THR A 283 8.09 3.56 6.85
C THR A 283 7.56 4.71 7.69
N PRO A 284 8.16 5.89 7.56
CA PRO A 284 7.67 7.02 8.34
C PRO A 284 6.32 7.43 7.76
N VAL A 285 5.61 8.29 8.49
CA VAL A 285 4.29 8.73 8.09
C VAL A 285 4.27 10.17 7.62
N ILE A 286 3.24 10.54 6.87
CA ILE A 286 3.09 11.93 6.43
C ILE A 286 2.05 12.59 7.34
N ASP A 287 2.46 13.57 8.12
CA ASP A 287 1.58 14.26 9.05
C ASP A 287 0.39 15.01 8.42
N PHE A 288 -0.79 14.79 9.00
CA PHE A 288 -2.03 15.43 8.63
C PHE A 288 -2.77 15.97 9.82
N SER A 289 -3.72 16.85 9.58
CA SER A 289 -4.25 17.69 10.61
C SER A 289 -5.65 18.08 10.32
N LEU A 290 -6.41 18.41 11.33
CA LEU A 290 -7.76 18.84 11.15
C LEU A 290 -8.21 19.81 12.21
N LYS A 291 -8.66 20.97 11.77
CA LYS A 291 -9.13 21.96 12.74
C LYS A 291 -10.38 22.64 12.22
N LEU A 292 -11.31 22.93 13.12
CA LEU A 292 -12.56 23.58 12.76
C LEU A 292 -12.35 25.07 12.58
N ALA A 293 -13.20 25.67 11.74
CA ALA A 293 -13.12 27.10 11.47
C ALA A 293 -12.95 27.87 12.78
#